data_3R6J
#
_entry.id   3R6J
#
_cell.length_a   73.154
_cell.length_b   99.121
_cell.length_c   77.590
_cell.angle_alpha   90.00
_cell.angle_beta   90.00
_cell.angle_gamma   90.00
#
_symmetry.space_group_name_H-M   'C 2 2 21'
#
loop_
_entity.id
_entity.type
_entity.pdbx_description
1 polymer 'VP1 protein'
2 non-polymer 1,2-ETHANEDIOL
3 water water
#
_entity_poly.entity_id   1
_entity_poly.type   'polypeptide(L)'
_entity_poly.pdbx_seq_one_letter_code
;GPGSKPFTLPILTIGELTNSRFPVPIDELYTSPNESLVVQPQNGRCALDGELQGTTQLLPTAICSFRGRINQKVSGENHV
WNMQVTNINGTPFDPTEDVPAPLGTPDFSGKLFGVLSQRDHDNACRSHDAVIATNSAKFTPKLGAIQIGTWEEDDVHINQ
PTKFTPVGLFEDGGFNQWTLPNYSGALTLNMGLAPPVAPTFPGEQILFFRSHIPLKGGVADPVIDCLLPQEWIQHLYQES
APSQSDVALIRFTNPDTGRVLFEAKLHRSGYITVANTGSRPIVVPANGYFRFDSWVNQFYSLAPM
;
_entity_poly.pdbx_strand_id   A
#
loop_
_chem_comp.id
_chem_comp.type
_chem_comp.name
_chem_comp.formula
EDO non-polymer 1,2-ETHANEDIOL 'C2 H6 O2'
#
# COMPACT_ATOMS: atom_id res chain seq x y z
N GLY A 1 12.68 -26.29 -18.05
CA GLY A 1 13.25 -27.62 -18.00
C GLY A 1 12.55 -28.49 -16.95
N PRO A 2 13.19 -29.60 -16.56
CA PRO A 2 12.63 -30.48 -15.53
C PRO A 2 12.65 -29.82 -14.15
N GLY A 3 13.56 -28.88 -13.97
CA GLY A 3 13.73 -28.22 -12.69
C GLY A 3 13.14 -26.82 -12.65
N SER A 4 12.81 -26.36 -11.45
CA SER A 4 12.18 -25.07 -11.24
C SER A 4 13.19 -23.92 -11.20
N LYS A 5 12.78 -22.75 -11.69
CA LYS A 5 13.58 -21.55 -11.59
C LYS A 5 13.70 -21.13 -10.13
N PRO A 6 14.94 -21.02 -9.63
CA PRO A 6 15.18 -20.66 -8.22
C PRO A 6 14.56 -19.31 -7.85
N PHE A 7 13.87 -19.29 -6.72
CA PHE A 7 13.27 -18.07 -6.19
C PHE A 7 14.33 -17.07 -5.76
N THR A 8 14.09 -15.78 -6.02
CA THR A 8 15.03 -14.74 -5.64
C THR A 8 14.33 -13.47 -5.20
N LEU A 9 15.01 -12.69 -4.37
CA LEU A 9 14.56 -11.36 -3.99
C LEU A 9 15.57 -10.35 -4.49
N PRO A 10 15.17 -9.08 -4.63
CA PRO A 10 16.15 -8.08 -5.06
C PRO A 10 17.17 -7.81 -3.96
N ILE A 11 18.36 -7.36 -4.35
CA ILE A 11 19.41 -7.04 -3.40
C ILE A 11 19.36 -5.55 -3.06
N LEU A 12 18.51 -5.20 -2.10
CA LEU A 12 18.24 -3.81 -1.78
C LEU A 12 18.22 -3.62 -0.28
N THR A 13 18.94 -2.60 0.18
CA THR A 13 19.02 -2.33 1.60
C THR A 13 17.78 -1.55 2.05
N ILE A 14 17.67 -1.36 3.36
CA ILE A 14 16.52 -0.66 3.94
C ILE A 14 16.32 0.72 3.31
N GLY A 15 17.43 1.38 2.97
CA GLY A 15 17.37 2.72 2.42
C GLY A 15 17.15 2.75 0.92
N GLU A 16 16.86 1.59 0.33
CA GLU A 16 16.66 1.51 -1.11
C GLU A 16 15.30 0.90 -1.41
N LEU A 17 14.40 0.97 -0.44
CA LEU A 17 13.07 0.37 -0.58
C LEU A 17 11.95 1.40 -0.51
N THR A 18 10.88 1.17 -1.27
CA THR A 18 9.72 2.04 -1.30
C THR A 18 8.50 1.37 -0.67
N ASN A 19 7.72 2.12 0.10
CA ASN A 19 6.51 1.58 0.68
C ASN A 19 5.52 1.23 -0.43
N SER A 20 4.85 0.10 -0.30
CA SER A 20 3.88 -0.32 -1.30
C SER A 20 2.47 0.17 -0.99
N ARG A 21 2.31 0.89 0.12
CA ARG A 21 0.99 1.37 0.52
C ARG A 21 0.90 2.89 0.55
N PHE A 22 2.04 3.55 0.35
CA PHE A 22 2.06 5.00 0.26
C PHE A 22 3.38 5.38 -0.42
N PRO A 23 3.34 6.40 -1.30
CA PRO A 23 4.51 6.68 -2.15
C PRO A 23 5.65 7.40 -1.43
N VAL A 24 6.28 6.70 -0.50
CA VAL A 24 7.41 7.25 0.24
C VAL A 24 8.38 6.12 0.52
N PRO A 25 9.62 6.47 0.86
CA PRO A 25 10.60 5.41 1.18
C PRO A 25 10.25 4.71 2.49
N ILE A 26 10.67 3.46 2.60
CA ILE A 26 10.65 2.75 3.87
C ILE A 26 11.64 3.38 4.86
N ASP A 27 11.20 3.58 6.10
CA ASP A 27 12.06 4.17 7.13
C ASP A 27 12.71 3.12 8.04
N GLU A 28 11.99 2.03 8.27
CA GLU A 28 12.46 1.01 9.20
C GLU A 28 11.63 -0.25 9.11
N LEU A 29 12.09 -1.33 9.74
CA LEU A 29 11.28 -2.51 9.92
C LEU A 29 10.60 -2.42 11.27
N TYR A 30 9.43 -3.03 11.40
CA TYR A 30 8.67 -2.96 12.64
C TYR A 30 7.87 -4.24 12.86
N THR A 31 7.81 -4.69 14.10
CA THR A 31 7.00 -5.86 14.40
C THR A 31 6.08 -5.65 15.59
N SER A 32 4.86 -6.16 15.50
CA SER A 32 3.86 -6.02 16.54
C SER A 32 2.83 -7.13 16.42
N PRO A 33 2.23 -7.53 17.55
CA PRO A 33 1.16 -8.54 17.57
C PRO A 33 -0.21 -7.92 17.29
N ASN A 34 -0.93 -8.49 16.33
CA ASN A 34 -2.26 -8.00 15.98
C ASN A 34 -3.36 -8.72 16.75
N GLU A 35 -3.38 -8.53 18.07
CA GLU A 35 -4.35 -9.19 18.94
C GLU A 35 -5.79 -8.81 18.61
N SER A 36 -6.02 -7.52 18.39
CA SER A 36 -7.37 -7.03 18.10
C SER A 36 -7.51 -6.62 16.64
N LEU A 37 -6.46 -6.02 16.09
CA LEU A 37 -6.50 -5.51 14.72
C LEU A 37 -6.45 -6.62 13.66
N VAL A 38 -7.24 -6.45 12.62
CA VAL A 38 -7.23 -7.38 11.48
C VAL A 38 -6.46 -6.77 10.31
N VAL A 39 -5.45 -7.49 9.83
CA VAL A 39 -4.55 -6.96 8.80
C VAL A 39 -4.95 -7.41 7.40
N GLN A 40 -5.53 -6.50 6.63
CA GLN A 40 -5.99 -6.84 5.29
C GLN A 40 -5.74 -5.71 4.29
N PRO A 41 -4.48 -5.25 4.19
CA PRO A 41 -4.18 -4.19 3.22
C PRO A 41 -4.47 -4.66 1.79
N GLN A 42 -4.80 -3.72 0.91
CA GLN A 42 -5.12 -4.08 -0.48
C GLN A 42 -4.00 -3.65 -1.45
N ASN A 43 -3.21 -2.66 -1.05
CA ASN A 43 -2.01 -2.33 -1.80
C ASN A 43 -0.83 -3.09 -1.21
N GLY A 44 0.21 -3.28 -2.01
CA GLY A 44 1.35 -4.05 -1.57
C GLY A 44 1.00 -5.50 -1.31
N ARG A 45 0.14 -6.07 -2.16
CA ARG A 45 -0.24 -7.48 -2.06
C ARG A 45 0.19 -8.24 -3.32
N CYS A 46 0.96 -9.29 -3.13
CA CYS A 46 1.52 -10.04 -4.25
C CYS A 46 2.00 -11.39 -3.75
N ALA A 47 1.48 -12.46 -4.35
CA ALA A 47 1.96 -13.80 -4.02
C ALA A 47 3.40 -13.97 -4.45
N LEU A 48 4.12 -14.93 -3.86
CA LEU A 48 5.53 -15.08 -4.15
C LEU A 48 5.80 -15.49 -5.60
N ASP A 49 4.76 -15.96 -6.29
CA ASP A 49 4.90 -16.35 -7.69
C ASP A 49 4.54 -15.20 -8.64
N GLY A 50 4.36 -14.01 -8.10
CA GLY A 50 4.18 -12.83 -8.91
C GLY A 50 2.76 -12.42 -9.23
N GLU A 51 1.78 -13.07 -8.61
CA GLU A 51 0.38 -12.71 -8.82
C GLU A 51 0.00 -11.50 -7.98
N LEU A 52 -0.28 -10.38 -8.64
CA LEU A 52 -0.76 -9.19 -7.96
C LEU A 52 -2.15 -9.44 -7.42
N GLN A 53 -2.44 -8.90 -6.23
CA GLN A 53 -3.74 -9.09 -5.61
C GLN A 53 -4.31 -7.77 -5.11
N GLY A 54 -5.57 -7.76 -4.72
CA GLY A 54 -6.21 -6.56 -4.20
C GLY A 54 -6.21 -5.44 -5.21
N THR A 55 -5.78 -4.26 -4.79
CA THR A 55 -5.69 -3.10 -5.68
C THR A 55 -4.26 -2.82 -6.11
N THR A 56 -3.41 -3.83 -6.01
CA THR A 56 -1.98 -3.62 -6.21
C THR A 56 -1.61 -3.47 -7.68
N GLN A 57 -0.83 -2.43 -7.98
CA GLN A 57 -0.28 -2.22 -9.31
C GLN A 57 1.22 -1.89 -9.19
N LEU A 58 1.88 -1.65 -10.32
CA LEU A 58 3.35 -1.62 -10.32
C LEU A 58 4.03 -0.28 -10.08
N LEU A 59 3.32 0.83 -10.32
CA LEU A 59 3.93 2.15 -10.23
C LEU A 59 3.97 2.67 -8.81
N PRO A 60 5.19 2.84 -8.25
CA PRO A 60 5.28 3.29 -6.85
C PRO A 60 4.75 4.71 -6.66
N THR A 61 5.00 5.61 -7.61
CA THR A 61 4.60 7.00 -7.40
C THR A 61 3.09 7.16 -7.46
N ALA A 62 2.41 6.21 -8.10
CA ALA A 62 0.98 6.32 -8.34
C ALA A 62 0.13 5.77 -7.20
N ILE A 63 0.76 5.12 -6.23
CA ILE A 63 0.03 4.59 -5.08
C ILE A 63 -0.66 5.75 -4.33
N CYS A 64 -1.95 5.56 -4.05
CA CYS A 64 -2.77 6.59 -3.39
C CYS A 64 -3.00 7.83 -4.25
N SER A 65 -2.74 7.72 -5.55
CA SER A 65 -3.04 8.81 -6.48
C SER A 65 -4.40 8.55 -7.12
N PHE A 66 -4.97 9.58 -7.73
CA PHE A 66 -6.21 9.44 -8.48
C PHE A 66 -6.05 10.17 -9.80
N ARG A 67 -6.78 9.70 -10.80
CA ARG A 67 -6.79 10.33 -12.11
C ARG A 67 -8.22 10.38 -12.63
N GLY A 68 -8.55 11.43 -13.37
CA GLY A 68 -9.88 11.50 -13.94
C GLY A 68 -10.27 12.91 -14.34
N ARG A 69 -11.54 13.24 -14.13
CA ARG A 69 -12.04 14.58 -14.43
C ARG A 69 -13.15 14.97 -13.45
N ILE A 70 -13.20 16.25 -13.11
CA ILE A 70 -14.27 16.76 -12.25
C ILE A 70 -15.54 16.93 -13.06
N ASN A 71 -16.62 16.31 -12.60
CA ASN A 71 -17.87 16.36 -13.35
C ASN A 71 -18.82 17.45 -12.86
N GLN A 72 -18.67 17.83 -11.59
CA GLN A 72 -19.57 18.81 -11.01
C GLN A 72 -19.07 19.22 -9.64
N LYS A 73 -19.50 20.40 -9.18
CA LYS A 73 -19.34 20.75 -7.77
C LYS A 73 -20.45 20.03 -7.03
N VAL A 74 -20.15 19.50 -5.84
CA VAL A 74 -21.11 18.70 -5.10
C VAL A 74 -22.30 19.52 -4.63
N SER A 75 -23.50 18.96 -4.79
CA SER A 75 -24.74 19.65 -4.43
C SER A 75 -24.76 20.10 -2.98
N GLY A 76 -25.05 21.37 -2.77
CA GLY A 76 -25.13 21.93 -1.42
C GLY A 76 -23.79 22.07 -0.74
N GLU A 77 -22.72 21.93 -1.53
CA GLU A 77 -21.37 22.01 -0.98
C GLU A 77 -20.53 23.05 -1.71
N ASN A 78 -19.97 23.99 -0.95
CA ASN A 78 -18.90 24.84 -1.44
C ASN A 78 -17.60 24.11 -1.15
N HIS A 79 -16.67 24.17 -2.10
CA HIS A 79 -15.33 23.62 -1.90
C HIS A 79 -15.26 22.10 -2.00
N VAL A 80 -16.35 21.45 -2.39
CA VAL A 80 -16.31 20.01 -2.61
C VAL A 80 -16.69 19.65 -4.04
N TRP A 81 -15.90 18.78 -4.66
CA TRP A 81 -16.05 18.47 -6.07
C TRP A 81 -16.24 16.98 -6.29
N ASN A 82 -17.03 16.63 -7.30
CA ASN A 82 -17.18 15.22 -7.64
C ASN A 82 -16.26 14.83 -8.79
N MET A 83 -15.42 13.83 -8.57
CA MET A 83 -14.43 13.41 -9.55
C MET A 83 -14.73 12.01 -10.08
N GLN A 84 -14.86 11.94 -11.40
CA GLN A 84 -15.03 10.66 -12.08
C GLN A 84 -13.66 10.09 -12.37
N VAL A 85 -13.35 8.94 -11.77
CA VAL A 85 -11.98 8.42 -11.80
C VAL A 85 -11.74 7.45 -12.94
N THR A 86 -10.51 7.48 -13.47
CA THR A 86 -10.05 6.53 -14.46
C THR A 86 -8.93 5.71 -13.82
N ASN A 87 -8.36 4.79 -14.58
CA ASN A 87 -7.15 4.10 -14.14
C ASN A 87 -5.98 5.07 -14.15
N ILE A 88 -4.87 4.66 -13.54
CA ILE A 88 -3.70 5.52 -13.45
C ILE A 88 -3.16 5.95 -14.82
N ASN A 89 -3.22 5.08 -15.81
CA ASN A 89 -2.74 5.42 -17.15
C ASN A 89 -3.76 6.24 -17.94
N GLY A 90 -4.90 6.51 -17.32
CA GLY A 90 -5.92 7.33 -17.95
C GLY A 90 -7.01 6.53 -18.62
N THR A 91 -6.80 5.22 -18.79
CA THR A 91 -7.81 4.37 -19.41
C THR A 91 -9.00 4.22 -18.48
N PRO A 92 -10.20 4.04 -19.05
CA PRO A 92 -11.44 3.89 -18.29
C PRO A 92 -11.36 2.78 -17.25
N PHE A 93 -11.87 3.05 -16.05
CA PHE A 93 -11.98 2.03 -15.01
C PHE A 93 -13.19 1.13 -15.26
N ASP A 94 -12.95 -0.18 -15.19
CA ASP A 94 -13.99 -1.19 -15.42
C ASP A 94 -14.61 -1.64 -14.09
N PRO A 95 -15.73 -1.01 -13.69
CA PRO A 95 -16.34 -1.26 -12.38
C PRO A 95 -16.74 -2.71 -12.15
N THR A 96 -17.00 -3.45 -13.21
CA THR A 96 -17.45 -4.83 -13.08
C THR A 96 -16.28 -5.80 -12.89
N GLU A 97 -15.07 -5.29 -13.08
CA GLU A 97 -13.87 -6.11 -12.91
C GLU A 97 -13.72 -6.57 -11.46
N ASP A 98 -13.17 -7.77 -11.28
CA ASP A 98 -13.10 -8.38 -9.95
C ASP A 98 -11.97 -7.81 -9.09
N VAL A 99 -11.93 -6.49 -8.96
CA VAL A 99 -11.01 -5.84 -8.02
C VAL A 99 -11.83 -5.01 -7.05
N PRO A 100 -11.27 -4.69 -5.87
CA PRO A 100 -12.01 -3.90 -4.88
C PRO A 100 -12.23 -2.47 -5.35
N ALA A 101 -11.33 -1.97 -6.19
CA ALA A 101 -11.34 -0.57 -6.62
C ALA A 101 -10.32 -0.39 -7.74
N PRO A 102 -10.30 0.79 -8.38
CA PRO A 102 -9.23 1.03 -9.35
C PRO A 102 -7.90 0.73 -8.71
N LEU A 103 -6.97 0.14 -9.46
CA LEU A 103 -5.66 -0.19 -8.89
C LEU A 103 -4.97 1.09 -8.41
N GLY A 104 -4.39 1.02 -7.21
CA GLY A 104 -3.70 2.17 -6.64
C GLY A 104 -4.53 2.97 -5.64
N THR A 105 -5.85 2.71 -5.62
CA THR A 105 -6.75 3.37 -4.67
C THR A 105 -6.19 3.18 -3.24
N PRO A 106 -6.29 4.22 -2.39
CA PRO A 106 -5.81 4.07 -1.01
C PRO A 106 -6.57 2.94 -0.31
N ASP A 107 -5.88 2.20 0.56
CA ASP A 107 -6.50 1.07 1.25
C ASP A 107 -6.66 1.31 2.76
N PHE A 108 -6.73 2.58 3.16
CA PHE A 108 -6.88 2.91 4.57
C PHE A 108 -7.92 4.01 4.76
N SER A 109 -8.46 4.11 5.96
CA SER A 109 -9.48 5.09 6.26
C SER A 109 -8.86 6.32 6.91
N GLY A 110 -9.27 7.49 6.44
CA GLY A 110 -8.80 8.74 6.99
C GLY A 110 -8.94 9.86 5.98
N LYS A 111 -8.36 11.01 6.29
CA LYS A 111 -8.39 12.16 5.38
C LYS A 111 -7.02 12.37 4.77
N LEU A 112 -6.94 12.12 3.47
CA LEU A 112 -5.68 12.19 2.73
C LEU A 112 -5.46 13.62 2.26
N PHE A 113 -4.26 14.15 2.48
CA PHE A 113 -3.93 15.50 2.02
C PHE A 113 -3.01 15.40 0.81
N GLY A 114 -3.23 16.25 -0.18
CA GLY A 114 -2.39 16.25 -1.35
C GLY A 114 -2.65 17.46 -2.22
N VAL A 115 -2.27 17.36 -3.49
CA VAL A 115 -2.47 18.48 -4.42
C VAL A 115 -3.29 18.02 -5.62
N LEU A 116 -4.34 18.76 -5.93
CA LEU A 116 -5.15 18.51 -7.11
C LEU A 116 -4.60 19.36 -8.26
N SER A 117 -4.27 18.73 -9.39
CA SER A 117 -3.74 19.46 -10.53
C SER A 117 -4.58 19.20 -11.77
N GLN A 118 -4.62 20.19 -12.66
CA GLN A 118 -5.37 20.05 -13.90
C GLN A 118 -4.56 20.63 -15.06
N ARG A 119 -4.72 20.03 -16.21
CA ARG A 119 -4.24 20.63 -17.45
C ARG A 119 -5.39 20.54 -18.44
N ASP A 120 -5.97 21.69 -18.74
CA ASP A 120 -7.14 21.75 -19.59
C ASP A 120 -6.76 21.42 -21.02
N HIS A 121 -7.76 21.13 -21.85
CA HIS A 121 -7.49 20.76 -23.23
C HIS A 121 -6.75 21.87 -23.97
N ASP A 122 -6.86 23.10 -23.47
CA ASP A 122 -6.16 24.23 -24.07
C ASP A 122 -4.85 24.55 -23.34
N ASN A 123 -4.46 23.65 -22.43
CA ASN A 123 -3.20 23.75 -21.69
C ASN A 123 -3.17 24.79 -20.56
N ALA A 124 -4.33 25.36 -20.24
CA ALA A 124 -4.44 26.20 -19.04
C ALA A 124 -4.37 25.29 -17.81
N CYS A 125 -3.46 25.60 -16.89
CA CYS A 125 -3.20 24.72 -15.75
C CYS A 125 -3.44 25.37 -14.40
N ARG A 126 -3.69 24.53 -13.40
CA ARG A 126 -3.77 24.98 -12.01
C ARG A 126 -3.50 23.81 -11.08
N SER A 127 -2.97 24.12 -9.90
CA SER A 127 -2.78 23.12 -8.84
C SER A 127 -3.21 23.74 -7.51
N HIS A 128 -4.00 23.01 -6.73
CA HIS A 128 -4.45 23.50 -5.43
C HIS A 128 -4.44 22.37 -4.40
N ASP A 129 -4.16 22.72 -3.14
CA ASP A 129 -4.27 21.77 -2.04
C ASP A 129 -5.65 21.13 -2.02
N ALA A 130 -5.69 19.85 -1.68
CA ALA A 130 -6.96 19.14 -1.63
C ALA A 130 -6.96 18.07 -0.56
N VAL A 131 -8.16 17.63 -0.18
CA VAL A 131 -8.31 16.58 0.80
C VAL A 131 -9.30 15.57 0.26
N ILE A 132 -9.01 14.30 0.50
CA ILE A 132 -9.96 13.24 0.15
C ILE A 132 -10.24 12.38 1.38
N ALA A 133 -11.49 12.41 1.84
CA ALA A 133 -11.90 11.56 2.95
C ALA A 133 -12.23 10.16 2.44
N THR A 134 -11.33 9.22 2.66
CA THR A 134 -11.55 7.85 2.20
C THR A 134 -12.55 7.16 3.12
N ASN A 135 -12.86 7.80 4.24
CA ASN A 135 -13.79 7.26 5.22
C ASN A 135 -15.17 7.92 5.18
N SER A 136 -15.52 8.47 4.03
CA SER A 136 -16.84 9.10 3.86
C SER A 136 -17.73 8.27 2.94
N ALA A 137 -19.04 8.40 3.12
CA ALA A 137 -20.00 7.63 2.34
C ALA A 137 -19.90 7.96 0.86
N LYS A 138 -19.38 9.13 0.54
CA LYS A 138 -19.28 9.59 -0.84
C LYS A 138 -17.91 9.24 -1.46
N PHE A 139 -17.11 8.47 -0.74
CA PHE A 139 -15.91 7.88 -1.32
C PHE A 139 -16.33 6.58 -1.99
N THR A 140 -16.54 6.61 -3.30
CA THR A 140 -17.04 5.44 -4.02
C THR A 140 -16.21 5.10 -5.27
N PRO A 141 -14.90 4.88 -5.10
CA PRO A 141 -14.03 4.65 -6.25
C PRO A 141 -14.43 3.43 -7.09
N LYS A 142 -14.96 2.41 -6.44
CA LYS A 142 -15.38 1.19 -7.13
C LYS A 142 -16.57 1.48 -8.05
N LEU A 143 -17.37 2.47 -7.69
CA LEU A 143 -18.47 2.92 -8.54
C LEU A 143 -17.99 3.92 -9.58
N GLY A 144 -16.74 4.35 -9.44
CA GLY A 144 -16.11 5.22 -10.42
C GLY A 144 -16.14 6.71 -10.09
N ALA A 145 -16.36 7.04 -8.82
CA ALA A 145 -16.45 8.44 -8.42
C ALA A 145 -16.04 8.66 -6.96
N ILE A 146 -15.37 9.78 -6.71
CA ILE A 146 -15.03 10.19 -5.35
C ILE A 146 -15.29 11.69 -5.19
N GLN A 147 -15.30 12.16 -3.95
CA GLN A 147 -15.42 13.59 -3.71
C GLN A 147 -14.09 14.12 -3.21
N ILE A 148 -13.76 15.34 -3.63
CA ILE A 148 -12.49 15.96 -3.26
C ILE A 148 -12.73 17.35 -2.71
N GLY A 149 -12.18 17.63 -1.53
CA GLY A 149 -12.33 18.94 -0.93
C GLY A 149 -11.16 19.87 -1.24
N THR A 150 -11.47 21.14 -1.48
CA THR A 150 -10.42 22.14 -1.65
C THR A 150 -10.70 23.35 -0.76
N TRP A 151 -9.71 24.21 -0.62
CA TRP A 151 -9.90 25.49 0.06
C TRP A 151 -10.40 26.48 -0.99
N GLU A 152 -9.82 26.39 -2.18
CA GLU A 152 -10.19 27.20 -3.32
C GLU A 152 -11.65 26.96 -3.70
N GLU A 153 -12.49 27.97 -3.52
CA GLU A 153 -13.93 27.81 -3.75
C GLU A 153 -14.29 27.67 -5.22
N ASP A 154 -13.56 28.34 -6.10
CA ASP A 154 -13.98 28.46 -7.49
C ASP A 154 -13.00 27.93 -8.54
N ASP A 155 -11.70 28.06 -8.27
CA ASP A 155 -10.69 27.77 -9.29
C ASP A 155 -10.42 26.27 -9.47
N VAL A 156 -11.47 25.51 -9.76
CA VAL A 156 -11.34 24.14 -10.21
C VAL A 156 -12.23 24.02 -11.43
N HIS A 157 -11.71 23.47 -12.52
CA HIS A 157 -12.48 23.41 -13.76
C HIS A 157 -13.21 22.09 -13.97
N ILE A 158 -14.34 22.16 -14.65
CA ILE A 158 -15.17 21.00 -14.89
C ILE A 158 -14.81 20.34 -16.22
N ASN A 159 -14.83 19.01 -16.25
CA ASN A 159 -14.59 18.27 -17.48
C ASN A 159 -13.20 18.50 -18.07
N GLN A 160 -12.19 18.57 -17.20
CA GLN A 160 -10.80 18.73 -17.63
C GLN A 160 -9.94 17.67 -16.95
N PRO A 161 -8.90 17.18 -17.65
CA PRO A 161 -8.01 16.17 -17.06
C PRO A 161 -7.49 16.61 -15.69
N THR A 162 -7.60 15.73 -14.71
CA THR A 162 -7.31 16.07 -13.32
C THR A 162 -6.50 14.96 -12.66
N LYS A 163 -5.54 15.34 -11.81
CA LYS A 163 -4.78 14.36 -11.04
C LYS A 163 -4.74 14.76 -9.58
N PHE A 164 -4.64 13.76 -8.70
CA PHE A 164 -4.40 14.01 -7.29
C PHE A 164 -3.07 13.39 -6.91
N THR A 165 -2.15 14.24 -6.44
CA THR A 165 -0.85 13.77 -5.96
C THR A 165 -0.92 13.72 -4.43
N PRO A 166 -0.81 12.53 -3.85
CA PRO A 166 -0.88 12.44 -2.39
C PRO A 166 0.39 13.00 -1.71
N VAL A 167 0.22 13.60 -0.54
CA VAL A 167 1.38 14.07 0.22
C VAL A 167 1.43 13.39 1.60
N GLY A 168 0.29 13.33 2.26
CA GLY A 168 0.24 12.74 3.59
C GLY A 168 -1.18 12.73 4.11
N LEU A 169 -1.32 12.85 5.43
CA LEU A 169 -2.63 12.92 6.07
C LEU A 169 -2.97 14.37 6.36
N PHE A 170 -4.26 14.70 6.29
CA PHE A 170 -4.71 16.04 6.61
C PHE A 170 -4.79 16.20 8.12
N GLU A 171 -5.30 15.17 8.78
CA GLU A 171 -5.43 15.17 10.23
C GLU A 171 -5.27 13.74 10.71
N ASP A 172 -4.98 13.56 11.99
CA ASP A 172 -4.75 12.22 12.52
C ASP A 172 -6.03 11.59 13.05
N GLY A 173 -6.98 12.43 13.46
CA GLY A 173 -8.28 11.94 13.90
C GLY A 173 -8.98 11.20 12.78
N GLY A 174 -9.46 10.00 13.10
CA GLY A 174 -10.18 9.19 12.12
C GLY A 174 -9.28 8.32 11.26
N PHE A 175 -7.97 8.46 11.46
CA PHE A 175 -7.01 7.65 10.71
C PHE A 175 -6.80 6.29 11.34
N ASN A 176 -7.07 5.23 10.57
CA ASN A 176 -6.71 3.87 10.97
C ASN A 176 -6.20 3.13 9.75
N GLN A 177 -4.92 2.78 9.76
CA GLN A 177 -4.30 2.20 8.58
C GLN A 177 -4.84 0.82 8.23
N TRP A 178 -5.51 0.17 9.18
CA TRP A 178 -6.00 -1.20 8.97
C TRP A 178 -7.50 -1.28 8.68
N THR A 179 -8.18 -0.14 8.72
CA THR A 179 -9.59 -0.10 8.38
C THR A 179 -9.75 0.22 6.89
N LEU A 180 -10.25 -0.75 6.14
CA LEU A 180 -10.45 -0.54 4.71
C LEU A 180 -11.57 0.45 4.45
N PRO A 181 -11.40 1.28 3.42
CA PRO A 181 -12.53 2.13 2.99
C PRO A 181 -13.65 1.23 2.47
N ASN A 182 -14.88 1.74 2.47
CA ASN A 182 -15.95 1.09 1.71
C ASN A 182 -15.85 1.56 0.26
N TYR A 183 -15.20 0.75 -0.58
CA TYR A 183 -14.87 1.19 -1.94
C TYR A 183 -16.11 1.55 -2.77
N SER A 184 -17.25 0.95 -2.43
CA SER A 184 -18.49 1.25 -3.14
C SER A 184 -19.41 2.17 -2.37
N GLY A 185 -18.92 2.73 -1.27
CA GLY A 185 -19.71 3.63 -0.46
C GLY A 185 -20.54 2.94 0.61
N ALA A 186 -21.38 3.73 1.28
CA ALA A 186 -22.19 3.24 2.39
C ALA A 186 -23.10 2.09 1.98
N LEU A 187 -23.21 1.10 2.87
CA LEU A 187 -24.17 0.02 2.72
C LEU A 187 -23.80 -1.00 1.64
N THR A 188 -22.57 -0.93 1.15
CA THR A 188 -22.13 -1.86 0.12
C THR A 188 -20.84 -2.56 0.57
N LEU A 189 -20.81 -3.88 0.39
CA LEU A 189 -19.66 -4.66 0.79
C LEU A 189 -18.55 -4.62 -0.25
N ASN A 190 -17.31 -4.57 0.24
CA ASN A 190 -16.15 -4.69 -0.63
C ASN A 190 -16.10 -6.08 -1.26
N MET A 191 -15.53 -6.16 -2.46
CA MET A 191 -15.38 -7.45 -3.13
C MET A 191 -14.01 -7.57 -3.79
N GLY A 192 -13.61 -8.80 -4.06
CA GLY A 192 -12.35 -9.06 -4.74
C GLY A 192 -11.14 -8.74 -3.90
N LEU A 193 -11.31 -8.77 -2.57
CA LEU A 193 -10.22 -8.41 -1.67
C LEU A 193 -9.14 -9.46 -1.58
N ALA A 194 -7.91 -8.99 -1.38
CA ALA A 194 -6.83 -9.85 -0.94
C ALA A 194 -7.19 -10.26 0.48
N PRO A 195 -6.91 -11.51 0.86
CA PRO A 195 -7.32 -12.05 2.16
C PRO A 195 -6.56 -11.42 3.32
N PRO A 196 -7.13 -11.50 4.53
CA PRO A 196 -6.44 -11.01 5.73
C PRO A 196 -5.22 -11.88 5.97
N VAL A 197 -4.20 -11.34 6.61
CA VAL A 197 -3.02 -12.12 6.96
C VAL A 197 -2.83 -12.15 8.48
N ALA A 198 -2.35 -13.28 8.99
CA ALA A 198 -2.06 -13.42 10.41
C ALA A 198 -0.96 -14.45 10.58
N PRO A 199 -0.14 -14.30 11.62
CA PRO A 199 0.89 -15.30 11.93
C PRO A 199 0.25 -16.57 12.45
N THR A 200 0.43 -17.66 11.73
CA THR A 200 -0.25 -18.92 12.06
C THR A 200 0.48 -19.73 13.12
N PHE A 201 1.79 -19.57 13.20
CA PHE A 201 2.62 -20.30 14.15
C PHE A 201 2.58 -19.60 15.50
N PRO A 202 2.17 -20.33 16.55
CA PRO A 202 2.09 -19.74 17.90
C PRO A 202 3.43 -19.14 18.31
N GLY A 203 3.44 -17.84 18.60
CA GLY A 203 4.65 -17.17 19.04
C GLY A 203 5.27 -16.25 18.00
N GLU A 204 4.73 -16.27 16.79
CA GLU A 204 5.26 -15.42 15.73
C GLU A 204 4.43 -14.15 15.57
N GLN A 205 5.02 -13.16 14.93
CA GLN A 205 4.34 -11.91 14.64
C GLN A 205 4.68 -11.49 13.21
N ILE A 206 3.82 -10.68 12.62
CA ILE A 206 4.13 -10.15 11.30
C ILE A 206 5.24 -9.12 11.39
N LEU A 207 6.14 -9.14 10.41
CA LEU A 207 7.15 -8.09 10.28
C LEU A 207 6.74 -7.13 9.17
N PHE A 208 6.66 -5.85 9.50
CA PHE A 208 6.24 -4.82 8.54
C PHE A 208 7.40 -3.95 8.06
N PHE A 209 7.23 -3.38 6.86
CA PHE A 209 8.12 -2.32 6.39
C PHE A 209 7.39 -1.01 6.64
N ARG A 210 7.93 -0.20 7.55
CA ARG A 210 7.22 0.96 8.07
C ARG A 210 7.72 2.30 7.54
N SER A 211 6.78 3.17 7.20
CA SER A 211 7.09 4.56 6.85
C SER A 211 6.33 5.53 7.74
N HIS A 212 6.99 6.62 8.14
CA HIS A 212 6.34 7.70 8.86
C HIS A 212 5.92 8.73 7.83
N ILE A 213 4.62 9.02 7.75
CA ILE A 213 4.11 9.84 6.67
C ILE A 213 3.75 11.26 7.14
N PRO A 214 3.78 12.23 6.21
CA PRO A 214 3.50 13.63 6.56
C PRO A 214 2.11 13.85 7.12
N LEU A 215 1.99 14.90 7.93
CA LEU A 215 0.73 15.28 8.55
C LEU A 215 0.56 16.79 8.45
N LYS A 216 -0.59 17.24 7.96
CA LYS A 216 -0.77 18.67 7.72
C LYS A 216 -0.81 19.47 9.02
N GLY A 217 -1.30 18.84 10.08
CA GLY A 217 -1.42 19.53 11.35
C GLY A 217 -1.76 18.57 12.47
N GLY A 218 -1.39 18.95 13.70
CA GLY A 218 -1.67 18.13 14.86
C GLY A 218 -0.42 17.53 15.45
N VAL A 219 -0.59 16.80 16.55
CA VAL A 219 0.51 16.10 17.20
C VAL A 219 0.30 14.61 17.07
N ALA A 220 1.11 13.98 16.22
CA ALA A 220 0.97 12.55 15.97
C ALA A 220 2.16 12.04 15.19
N ASP A 221 2.28 10.73 15.13
CA ASP A 221 3.32 10.09 14.35
C ASP A 221 2.70 9.02 13.46
N PRO A 222 1.88 9.44 12.48
CA PRO A 222 1.14 8.48 11.67
C PRO A 222 2.10 7.64 10.83
N VAL A 223 1.86 6.34 10.81
CA VAL A 223 2.70 5.42 10.07
C VAL A 223 1.87 4.55 9.15
N ILE A 224 2.50 4.13 8.05
CA ILE A 224 1.89 3.18 7.12
C ILE A 224 2.82 1.98 7.06
N ASP A 225 2.31 0.82 7.44
CA ASP A 225 3.07 -0.43 7.47
C ASP A 225 2.68 -1.30 6.28
N CYS A 226 3.65 -1.70 5.46
CA CYS A 226 3.31 -2.59 4.35
C CYS A 226 3.90 -3.98 4.53
N LEU A 227 3.30 -4.97 3.87
CA LEU A 227 3.71 -6.36 4.00
C LEU A 227 4.94 -6.65 3.15
N LEU A 228 5.03 -5.99 1.99
CA LEU A 228 6.15 -6.15 1.08
C LEU A 228 6.51 -4.80 0.47
N PRO A 229 7.81 -4.51 0.33
CA PRO A 229 8.24 -3.27 -0.33
C PRO A 229 7.81 -3.28 -1.80
N GLN A 230 7.54 -2.11 -2.38
CA GLN A 230 7.11 -2.06 -3.77
C GLN A 230 8.11 -2.73 -4.72
N GLU A 231 9.41 -2.56 -4.46
CA GLU A 231 10.42 -3.19 -5.30
C GLU A 231 10.37 -4.72 -5.29
N TRP A 232 9.98 -5.29 -4.16
CA TRP A 232 9.84 -6.75 -4.11
C TRP A 232 8.68 -7.19 -4.99
N ILE A 233 7.59 -6.44 -4.94
CA ILE A 233 6.44 -6.72 -5.77
C ILE A 233 6.80 -6.63 -7.25
N GLN A 234 7.50 -5.57 -7.63
CA GLN A 234 7.95 -5.42 -9.01
C GLN A 234 8.85 -6.60 -9.41
N HIS A 235 9.72 -7.02 -8.50
CA HIS A 235 10.63 -8.12 -8.78
C HIS A 235 9.88 -9.45 -8.94
N LEU A 236 8.95 -9.73 -8.02
CA LEU A 236 8.21 -10.98 -8.06
C LEU A 236 7.36 -11.08 -9.32
N TYR A 237 6.81 -9.94 -9.73
CA TYR A 237 6.02 -9.85 -10.96
C TYR A 237 6.88 -10.19 -12.16
N GLN A 238 8.11 -9.68 -12.17
CA GLN A 238 9.07 -9.97 -13.23
C GLN A 238 9.47 -11.44 -13.25
N GLU A 239 9.88 -11.96 -12.09
CA GLU A 239 10.42 -13.31 -12.00
C GLU A 239 9.39 -14.41 -12.18
N SER A 240 8.22 -14.23 -11.58
CA SER A 240 7.16 -15.25 -11.63
C SER A 240 7.71 -16.64 -11.33
N ALA A 241 8.48 -16.76 -10.25
CA ALA A 241 9.04 -18.04 -9.85
C ALA A 241 8.01 -18.86 -9.05
N PRO A 242 7.81 -20.13 -9.43
CA PRO A 242 6.90 -20.99 -8.68
C PRO A 242 7.34 -21.16 -7.23
N SER A 243 6.37 -21.21 -6.31
CA SER A 243 6.67 -21.41 -4.90
C SER A 243 6.80 -22.90 -4.60
N GLN A 244 7.89 -23.29 -3.97
CA GLN A 244 8.14 -24.71 -3.69
C GLN A 244 7.41 -25.19 -2.44
N SER A 245 7.11 -24.27 -1.52
CA SER A 245 6.32 -24.59 -0.35
C SER A 245 5.53 -23.36 0.09
N ASP A 246 4.93 -23.43 1.26
CA ASP A 246 4.12 -22.32 1.77
C ASP A 246 4.97 -21.22 2.40
N VAL A 247 6.26 -21.50 2.62
CA VAL A 247 7.13 -20.60 3.36
C VAL A 247 8.57 -20.58 2.85
N ALA A 248 9.07 -19.39 2.53
CA ALA A 248 10.48 -19.23 2.16
C ALA A 248 11.26 -18.62 3.33
N LEU A 249 12.28 -19.34 3.81
CA LEU A 249 13.14 -18.82 4.86
C LEU A 249 14.07 -17.73 4.33
N ILE A 250 14.01 -16.55 4.92
CA ILE A 250 14.90 -15.46 4.52
C ILE A 250 15.77 -15.01 5.68
N ARG A 251 16.98 -14.57 5.34
CA ARG A 251 17.99 -14.18 6.33
C ARG A 251 18.43 -12.75 6.08
N PHE A 252 18.23 -11.89 7.07
CA PHE A 252 18.67 -10.51 6.95
C PHE A 252 20.17 -10.46 7.20
N THR A 253 20.93 -10.04 6.19
CA THR A 253 22.39 -10.10 6.25
C THR A 253 23.06 -8.81 5.81
N ASN A 254 24.11 -8.42 6.53
CA ASN A 254 24.99 -7.35 6.05
C ASN A 254 26.06 -7.96 5.16
N PRO A 255 26.13 -7.53 3.90
CA PRO A 255 26.99 -8.13 2.87
C PRO A 255 28.49 -8.01 3.17
N ASP A 256 28.95 -6.83 3.58
CA ASP A 256 30.36 -6.65 3.87
C ASP A 256 30.76 -7.50 5.07
N THR A 257 29.92 -7.50 6.10
CA THR A 257 30.16 -8.29 7.29
C THR A 257 30.02 -9.78 7.00
N GLY A 258 29.04 -10.11 6.16
CA GLY A 258 28.75 -11.50 5.82
C GLY A 258 27.98 -12.19 6.94
N ARG A 259 27.63 -11.43 7.97
CA ARG A 259 26.92 -11.98 9.12
C ARG A 259 25.41 -11.80 8.97
N VAL A 260 24.67 -12.85 9.34
CA VAL A 260 23.21 -12.78 9.33
C VAL A 260 22.72 -12.26 10.68
N LEU A 261 21.89 -11.23 10.63
CA LEU A 261 21.38 -10.59 11.84
C LEU A 261 20.19 -11.32 12.43
N PHE A 262 19.28 -11.78 11.57
CA PHE A 262 18.15 -12.56 12.02
C PHE A 262 17.50 -13.27 10.84
N GLU A 263 16.55 -14.15 11.13
CA GLU A 263 15.83 -14.88 10.10
C GLU A 263 14.32 -14.68 10.21
N ALA A 264 13.63 -14.83 9.10
CA ALA A 264 12.18 -14.65 9.06
C ALA A 264 11.56 -15.58 8.04
N LYS A 265 10.24 -15.75 8.14
CA LYS A 265 9.48 -16.54 7.18
C LYS A 265 8.77 -15.62 6.19
N LEU A 266 9.08 -15.81 4.91
CA LEU A 266 8.35 -15.13 3.85
C LEU A 266 7.27 -16.07 3.32
N HIS A 267 6.01 -15.74 3.61
CA HIS A 267 4.89 -16.63 3.28
C HIS A 267 4.46 -16.54 1.82
N ARG A 268 3.97 -17.66 1.29
CA ARG A 268 3.58 -17.74 -0.12
C ARG A 268 2.59 -16.66 -0.55
N SER A 269 1.70 -16.28 0.36
CA SER A 269 0.70 -15.25 0.07
C SER A 269 1.29 -13.83 0.09
N GLY A 270 2.53 -13.70 0.55
CA GLY A 270 3.22 -12.42 0.46
C GLY A 270 3.23 -11.56 1.70
N TYR A 271 3.79 -12.11 2.77
CA TYR A 271 4.01 -11.36 4.01
C TYR A 271 5.05 -12.09 4.84
N ILE A 272 5.60 -11.39 5.84
CA ILE A 272 6.70 -11.91 6.62
C ILE A 272 6.32 -12.09 8.09
N THR A 273 6.73 -13.20 8.67
CA THR A 273 6.62 -13.36 10.12
C THR A 273 7.98 -13.59 10.76
N VAL A 274 8.10 -13.17 12.01
CA VAL A 274 9.31 -13.41 12.78
C VAL A 274 8.94 -13.95 14.14
N ALA A 275 9.92 -14.49 14.86
CA ALA A 275 9.70 -14.91 16.23
C ALA A 275 10.13 -13.76 17.16
N ASN A 276 9.14 -13.03 17.68
CA ASN A 276 9.40 -11.91 18.56
C ASN A 276 8.20 -11.67 19.47
N THR A 277 8.45 -11.10 20.65
CA THR A 277 7.39 -10.77 21.59
C THR A 277 7.16 -9.26 21.69
N GLY A 278 5.89 -8.86 21.61
CA GLY A 278 5.52 -7.47 21.70
C GLY A 278 5.81 -6.68 20.44
N SER A 279 5.66 -5.37 20.51
CA SER A 279 5.93 -4.51 19.38
C SER A 279 7.19 -3.67 19.59
N ARG A 280 8.15 -3.82 18.69
CA ARG A 280 9.38 -3.05 18.75
C ARG A 280 9.87 -2.72 17.35
N PRO A 281 10.33 -1.47 17.14
CA PRO A 281 10.91 -1.07 15.85
C PRO A 281 12.26 -1.75 15.64
N ILE A 282 12.53 -2.16 14.40
CA ILE A 282 13.78 -2.84 14.09
C ILE A 282 14.70 -1.94 13.28
N VAL A 283 15.87 -1.65 13.85
CA VAL A 283 16.89 -0.90 13.12
C VAL A 283 17.94 -1.89 12.62
N VAL A 284 18.29 -1.75 11.35
CA VAL A 284 19.21 -2.67 10.70
C VAL A 284 20.30 -1.88 9.99
N PRO A 285 21.48 -2.48 9.83
CA PRO A 285 22.59 -1.80 9.16
C PRO A 285 22.22 -1.39 7.75
N ALA A 286 22.74 -0.25 7.31
CA ALA A 286 22.44 0.27 5.99
C ALA A 286 22.89 -0.70 4.90
N ASN A 287 23.88 -1.53 5.22
CA ASN A 287 24.39 -2.50 4.25
C ASN A 287 23.50 -3.73 4.09
N GLY A 288 22.72 -4.04 5.13
CA GLY A 288 21.93 -5.26 5.18
C GLY A 288 20.70 -5.37 4.30
N TYR A 289 20.37 -6.60 3.92
CA TYR A 289 19.22 -6.88 3.07
C TYR A 289 18.76 -8.32 3.30
N PHE A 290 17.53 -8.63 2.91
CA PHE A 290 17.06 -10.01 3.03
C PHE A 290 17.61 -10.89 1.93
N ARG A 291 18.14 -12.05 2.31
CA ARG A 291 18.56 -13.06 1.35
C ARG A 291 17.70 -14.30 1.49
N PHE A 292 17.26 -14.86 0.37
CA PHE A 292 16.49 -16.09 0.38
C PHE A 292 17.40 -17.27 0.69
N ASP A 293 17.02 -18.09 1.66
CA ASP A 293 17.88 -19.17 2.13
C ASP A 293 17.41 -20.53 1.64
N SER A 294 16.13 -20.82 1.86
CA SER A 294 15.54 -22.10 1.46
C SER A 294 14.04 -22.11 1.66
N TRP A 295 13.38 -23.17 1.22
CA TRP A 295 11.97 -23.34 1.47
C TRP A 295 11.76 -24.19 2.71
N VAL A 296 10.88 -23.73 3.59
CA VAL A 296 10.52 -24.48 4.79
C VAL A 296 9.01 -24.56 4.88
N ASN A 297 8.48 -25.00 6.02
CA ASN A 297 7.03 -25.03 6.19
C ASN A 297 6.59 -24.17 7.37
N GLN A 298 5.29 -24.13 7.63
CA GLN A 298 4.74 -23.31 8.70
C GLN A 298 5.26 -23.75 10.05
N PHE A 299 5.73 -24.99 10.12
CA PHE A 299 6.14 -25.60 11.39
C PHE A 299 7.61 -25.36 11.70
N TYR A 300 8.30 -24.69 10.79
CA TYR A 300 9.71 -24.35 11.01
C TYR A 300 9.82 -23.40 12.20
N SER A 301 10.66 -23.76 13.17
CA SER A 301 10.83 -22.94 14.34
C SER A 301 11.96 -21.93 14.11
N LEU A 302 11.61 -20.65 14.02
CA LEU A 302 12.59 -19.60 13.77
C LEU A 302 13.42 -19.31 15.02
N ALA A 303 14.67 -18.91 14.81
CA ALA A 303 15.50 -18.41 15.89
C ALA A 303 14.91 -17.09 16.37
N PRO A 304 14.84 -16.89 17.69
CA PRO A 304 14.26 -15.67 18.25
C PRO A 304 15.06 -14.44 17.83
N MET A 305 14.37 -13.33 17.56
CA MET A 305 15.06 -12.09 17.24
C MET A 305 15.64 -11.44 18.49
C1 EDO B . 14.37 -4.08 -7.73
O1 EDO B . 13.80 -2.76 -7.82
C2 EDO B . 13.61 -5.03 -8.65
O2 EDO B . 14.46 -6.12 -9.03
#